data_9J75
#
_entry.id   9J75
#
_cell.length_a   1.00
_cell.length_b   1.00
_cell.length_c   1.00
_cell.angle_alpha   90.00
_cell.angle_beta   90.00
_cell.angle_gamma   90.00
#
_symmetry.space_group_name_H-M   'P 1'
#
loop_
_entity.id
_entity.type
_entity.pdbx_description
1 polymer 'Solute carrier family 22 member 12'
2 non-polymer verinurad
#
_entity_poly.entity_id   1
_entity_poly.type   'polypeptide(L)'
_entity_poly.pdbx_seq_one_letter_code
;MAFPELLDRVGGRGRFQLLQAVALVTPILWVTTQSMLENFSAAVPHHRCWVPLLDNSTSQASIPGDFGRDVLLAVSIPPG
PDQRPHQCLRFRQPQWQLIESNTTATNWSDADTEPCEDGWVYDHSTFRSTIVTTWDLVCDSQALRPMAQSIFLAGILVGA
AVCGHASDRFGRRRVLTWSYLLVSVSGTIAALMPTFPLYCLFRFLVASAVAGVMMNTASLLMEWTSAQAGPLMMTLNALG
FSFGQVLTGSVAYGVRSWRMLQLAVSAPFFLFFVYSWWLPESARWLITVGRLDQSLRELQRVAAVNRRKAEADTLTVEVL
RSAMQEEPNGNQAGARLGTLLHTPGLRLRTFISMLCWFAFGFTFFGLALDLQALGSNIFLLQALIGIVDLPVKMGSLLLL
SRLGRRLCQASSLVLPGLCILANILVPREMGILRSSLAVLGLGSLGAAFTCVTIFSSELFPTVIRMTAVGLGQVAARGGA
MLGPLVRLLGVYGSWLPLLVYGVVPVLSGLAALLLPETKNLPLPDTIQDIQKQSVKKVTHDIAGGSVLKSARL
;
_entity_poly.pdbx_strand_id   A
#
loop_
_chem_comp.id
_chem_comp.type
_chem_comp.name
_chem_comp.formula
A1AIJ non-polymer verinurad 'C20 H16 N2 O2 S'
#
# COMPACT_ATOMS: atom_id res chain seq x y z
N ALA A 2 -4.25 -32.71 16.87
CA ALA A 2 -3.29 -32.92 17.94
C ALA A 2 -2.18 -31.88 17.89
N PHE A 3 -2.18 -31.07 16.83
CA PHE A 3 -1.16 -30.03 16.69
C PHE A 3 -1.19 -29.00 17.83
N PRO A 4 -2.34 -28.48 18.27
CA PRO A 4 -2.29 -27.55 19.42
C PRO A 4 -1.68 -28.14 20.66
N GLU A 5 -1.95 -29.43 20.93
CA GLU A 5 -1.33 -30.09 22.07
C GLU A 5 0.18 -30.17 21.90
N LEU A 6 0.64 -30.46 20.68
CA LEU A 6 2.09 -30.46 20.42
C LEU A 6 2.70 -29.08 20.63
N LEU A 7 1.99 -28.03 20.18
CA LEU A 7 2.49 -26.67 20.37
C LEU A 7 2.58 -26.32 21.85
N ASP A 8 1.58 -26.73 22.64
CA ASP A 8 1.65 -26.54 24.08
C ASP A 8 2.81 -27.32 24.68
N ARG A 9 3.06 -28.54 24.18
CA ARG A 9 4.20 -29.32 24.62
C ARG A 9 5.53 -28.68 24.27
N VAL A 10 5.60 -27.92 23.18
CA VAL A 10 6.87 -27.35 22.74
C VAL A 10 7.04 -25.89 23.13
N GLY A 11 5.96 -25.16 23.40
CA GLY A 11 6.09 -23.76 23.75
C GLY A 11 4.81 -22.96 23.73
N GLY A 12 4.84 -21.82 23.04
CA GLY A 12 3.76 -20.85 23.11
C GLY A 12 4.23 -19.59 23.82
N ARG A 13 4.14 -18.45 23.16
CA ARG A 13 4.74 -17.20 23.63
C ARG A 13 6.25 -17.49 23.74
N GLY A 14 6.93 -17.09 24.82
CA GLY A 14 8.32 -17.45 24.98
C GLY A 14 9.25 -16.56 24.17
N ARG A 15 10.38 -17.13 23.77
CA ARG A 15 11.44 -16.39 23.09
C ARG A 15 11.35 -16.50 21.58
N PHE A 16 11.32 -17.73 21.05
CA PHE A 16 11.34 -17.91 19.61
C PHE A 16 10.13 -17.30 18.93
N GLN A 17 8.95 -17.46 19.54
CA GLN A 17 7.73 -16.91 18.94
C GLN A 17 7.72 -15.40 18.91
N LEU A 18 8.63 -14.74 19.63
CA LEU A 18 8.83 -13.30 19.55
C LEU A 18 9.94 -12.91 18.59
N LEU A 19 11.02 -13.70 18.55
CA LEU A 19 12.09 -13.45 17.59
C LEU A 19 11.57 -13.61 16.17
N GLN A 20 10.72 -14.60 15.92
CA GLN A 20 10.12 -14.75 14.60
C GLN A 20 9.28 -13.54 14.23
N ALA A 21 8.49 -13.03 15.18
CA ALA A 21 7.67 -11.85 14.90
C ALA A 21 8.55 -10.65 14.57
N VAL A 22 9.63 -10.45 15.34
CA VAL A 22 10.52 -9.33 15.06
C VAL A 22 11.20 -9.49 13.71
N ALA A 23 11.54 -10.72 13.33
CA ALA A 23 12.27 -10.94 12.08
C ALA A 23 11.33 -10.85 10.87
N LEU A 24 10.04 -11.12 11.07
CA LEU A 24 9.10 -11.09 9.95
C LEU A 24 8.39 -9.75 9.79
N VAL A 25 8.24 -8.98 10.88
CA VAL A 25 7.57 -7.69 10.76
C VAL A 25 8.43 -6.69 10.01
N THR A 26 9.74 -6.73 10.22
CA THR A 26 10.63 -5.76 9.58
C THR A 26 10.53 -5.75 8.05
N PRO A 27 10.42 -6.88 7.34
CA PRO A 27 10.20 -6.79 5.88
C PRO A 27 8.92 -6.06 5.50
N ILE A 28 7.89 -6.05 6.36
CA ILE A 28 6.63 -5.39 6.03
C ILE A 28 6.83 -3.88 5.90
N LEU A 29 7.71 -3.30 6.72
CA LEU A 29 8.00 -1.88 6.63
C LEU A 29 8.46 -1.50 5.23
N TRP A 30 9.42 -2.24 4.69
CA TRP A 30 9.92 -1.97 3.34
C TRP A 30 8.96 -2.42 2.26
N VAL A 31 8.11 -3.41 2.53
CA VAL A 31 7.07 -3.79 1.59
C VAL A 31 6.10 -2.63 1.38
N THR A 32 5.75 -1.94 2.47
CA THR A 32 4.91 -0.75 2.35
C THR A 32 5.60 0.33 1.53
N THR A 33 6.92 0.45 1.62
CA THR A 33 7.64 1.48 0.90
C THR A 33 7.52 1.32 -0.61
N GLN A 34 7.37 0.11 -1.12
CA GLN A 34 7.29 -0.12 -2.56
C GLN A 34 5.87 -0.03 -3.10
N SER A 35 4.88 0.18 -2.24
CA SER A 35 3.51 0.39 -2.70
C SER A 35 3.13 1.86 -2.75
N MET A 36 3.60 2.66 -1.78
CA MET A 36 3.35 4.09 -1.76
C MET A 36 4.52 4.89 -2.32
N LEU A 37 5.51 4.21 -2.89
CA LEU A 37 6.61 4.90 -3.55
C LEU A 37 6.16 5.66 -4.78
N GLU A 38 4.98 5.34 -5.33
CA GLU A 38 4.52 6.01 -6.52
C GLU A 38 3.88 7.34 -6.14
N ASN A 39 4.56 8.09 -5.28
CA ASN A 39 4.19 9.44 -4.89
C ASN A 39 5.35 10.42 -4.89
N PHE A 40 6.59 9.97 -4.67
CA PHE A 40 7.78 10.77 -4.84
C PHE A 40 8.58 10.39 -6.06
N SER A 41 8.23 9.28 -6.71
CA SER A 41 8.90 8.87 -7.94
C SER A 41 8.25 9.48 -9.18
N ALA A 42 6.92 9.42 -9.28
CA ALA A 42 6.19 10.09 -10.34
C ALA A 42 5.53 11.37 -9.84
N ALA A 43 6.37 12.35 -9.49
CA ALA A 43 5.89 13.65 -9.06
C ALA A 43 5.92 14.63 -10.21
N VAL A 44 4.85 15.40 -10.38
CA VAL A 44 4.67 16.27 -11.53
C VAL A 44 5.00 17.70 -11.11
N PRO A 45 6.10 18.26 -11.55
CA PRO A 45 6.40 19.68 -11.28
C PRO A 45 5.73 20.57 -12.31
N HIS A 46 5.99 21.87 -12.19
CA HIS A 46 5.43 22.86 -13.10
C HIS A 46 6.22 22.83 -14.41
N HIS A 47 5.56 22.51 -15.50
CA HIS A 47 6.21 22.33 -16.80
C HIS A 47 5.73 23.42 -17.76
N ARG A 48 6.68 24.13 -18.37
CA ARG A 48 6.39 25.12 -19.38
C ARG A 48 6.96 24.66 -20.72
N CYS A 49 6.68 25.44 -21.77
CA CYS A 49 7.12 25.09 -23.11
C CYS A 49 8.49 25.70 -23.42
N TRP A 50 9.32 24.91 -24.09
CA TRP A 50 10.65 25.38 -24.48
C TRP A 50 10.52 26.50 -25.50
N VAL A 51 11.31 27.55 -25.33
CA VAL A 51 11.24 28.73 -26.19
C VAL A 51 12.63 29.04 -26.71
N PRO A 52 12.79 29.47 -27.97
CA PRO A 52 14.12 29.92 -28.41
C PRO A 52 14.53 31.25 -27.82
N LEU A 53 13.59 32.07 -27.37
CA LEU A 53 13.94 33.35 -26.77
C LEU A 53 14.58 33.17 -25.40
N LEU A 54 13.86 32.54 -24.47
CA LEU A 54 14.40 32.22 -23.17
C LEU A 54 15.14 30.88 -23.24
N ASP A 55 15.68 30.45 -22.10
CA ASP A 55 16.40 29.17 -21.99
C ASP A 55 17.52 29.08 -23.02
N ASN A 56 18.16 30.21 -23.31
CA ASN A 56 19.22 30.31 -24.32
C ASN A 56 18.71 29.92 -25.70
N SER A 57 19.61 29.93 -26.69
CA SER A 57 19.23 29.59 -28.06
C SER A 57 19.05 28.08 -28.22
N GLY A 68 14.84 41.74 -19.49
CA GLY A 68 13.65 41.45 -18.72
C GLY A 68 13.13 40.04 -18.93
N ARG A 69 13.40 39.17 -17.96
CA ARG A 69 12.94 37.79 -18.06
C ARG A 69 11.43 37.70 -18.01
N ASP A 70 10.79 38.50 -17.16
CA ASP A 70 9.33 38.43 -17.01
C ASP A 70 8.62 38.79 -18.31
N VAL A 71 9.07 39.86 -18.97
CA VAL A 71 8.44 40.26 -20.23
C VAL A 71 8.67 39.20 -21.30
N LEU A 72 9.87 38.62 -21.34
CA LEU A 72 10.15 37.57 -22.32
C LEU A 72 9.30 36.34 -22.08
N LEU A 73 9.04 35.98 -20.83
CA LEU A 73 8.15 34.87 -20.54
C LEU A 73 6.70 35.20 -20.91
N ALA A 74 6.28 36.44 -20.64
CA ALA A 74 4.91 36.84 -20.95
C ALA A 74 4.64 36.96 -22.44
N VAL A 75 5.64 37.29 -23.24
CA VAL A 75 5.41 37.47 -24.67
C VAL A 75 5.38 36.14 -25.44
N SER A 76 6.01 35.09 -24.92
CA SER A 76 6.13 33.84 -25.66
C SER A 76 5.11 32.78 -25.27
N ILE A 77 4.61 32.78 -24.05
CA ILE A 77 3.67 31.78 -23.58
C ILE A 77 2.34 32.48 -23.26
N PRO A 78 1.24 32.10 -23.89
CA PRO A 78 -0.05 32.72 -23.57
C PRO A 78 -0.46 32.46 -22.13
N PRO A 79 -1.15 33.39 -21.50
CA PRO A 79 -1.60 33.16 -20.12
C PRO A 79 -2.58 32.00 -20.03
N GLY A 80 -2.51 31.29 -18.91
CA GLY A 80 -3.33 30.13 -18.69
C GLY A 80 -4.54 30.42 -17.82
N PRO A 81 -5.45 29.45 -17.71
CA PRO A 81 -6.67 29.69 -16.91
C PRO A 81 -6.40 29.77 -15.42
N ASP A 82 -5.57 28.88 -14.88
CA ASP A 82 -5.36 28.82 -13.43
C ASP A 82 -4.24 29.75 -12.97
N GLN A 83 -4.29 31.01 -13.40
CA GLN A 83 -3.36 32.04 -12.95
C GLN A 83 -1.90 31.62 -13.10
N ARG A 84 -1.58 30.93 -14.19
CA ARG A 84 -0.24 30.43 -14.43
C ARG A 84 0.07 30.51 -15.91
N PRO A 85 1.34 30.58 -16.29
CA PRO A 85 1.70 30.46 -17.70
C PRO A 85 1.27 29.11 -18.24
N HIS A 86 0.85 29.09 -19.51
CA HIS A 86 0.29 27.88 -20.10
C HIS A 86 1.32 26.76 -20.11
N GLN A 87 0.84 25.55 -19.83
CA GLN A 87 1.70 24.37 -19.73
C GLN A 87 1.60 23.47 -20.95
N CYS A 88 0.92 23.90 -22.02
CA CYS A 88 0.75 23.03 -23.17
C CYS A 88 0.84 23.75 -24.51
N LEU A 89 1.14 25.05 -24.54
CA LEU A 89 1.09 25.81 -25.78
C LEU A 89 2.19 26.85 -25.77
N ARG A 90 2.52 27.34 -26.96
CA ARG A 90 3.47 28.44 -27.12
C ARG A 90 3.12 29.19 -28.39
N PHE A 91 3.64 30.39 -28.50
CA PHE A 91 3.35 31.29 -29.62
C PHE A 91 4.25 30.93 -30.79
N ARG A 92 3.67 30.92 -32.00
CA ARG A 92 4.44 30.63 -33.20
C ARG A 92 5.55 31.66 -33.42
N GLN A 93 5.26 32.93 -33.14
CA GLN A 93 6.22 34.01 -33.26
C GLN A 93 5.99 34.93 -32.07
N PRO A 94 7.05 35.49 -31.47
CA PRO A 94 6.86 36.39 -30.33
C PRO A 94 5.85 37.49 -30.59
N GLN A 95 4.74 37.47 -29.86
CA GLN A 95 3.67 38.45 -30.04
C GLN A 95 4.09 39.75 -29.37
N TRP A 96 4.93 40.51 -30.07
CA TRP A 96 5.46 41.77 -29.56
C TRP A 96 4.37 42.83 -29.40
N GLN A 97 3.18 42.60 -29.94
CA GLN A 97 2.07 43.53 -29.72
C GLN A 97 1.73 43.65 -28.24
N LEU A 98 1.97 42.59 -27.46
CA LEU A 98 1.74 42.61 -26.02
C LEU A 98 2.86 43.41 -25.37
N ILE A 99 2.53 44.61 -24.89
CA ILE A 99 3.52 45.47 -24.24
C ILE A 99 3.87 44.91 -22.87
N ALA A 111 -5.17 32.94 -30.46
CA ALA A 111 -5.44 32.96 -31.90
C ALA A 111 -4.66 31.86 -32.61
N ASP A 112 -3.34 32.02 -32.69
CA ASP A 112 -2.46 31.06 -33.34
C ASP A 112 -1.48 30.52 -32.31
N THR A 113 -1.58 29.22 -32.04
CA THR A 113 -0.71 28.57 -31.06
C THR A 113 -0.36 27.18 -31.57
N GLU A 114 0.86 26.73 -31.26
CA GLU A 114 1.30 25.41 -31.69
C GLU A 114 1.72 24.58 -30.48
N PRO A 115 1.28 23.32 -30.40
CA PRO A 115 1.75 22.43 -29.34
C PRO A 115 3.27 22.42 -29.22
N CYS A 116 3.73 22.06 -28.02
CA CYS A 116 5.17 22.00 -27.76
C CYS A 116 5.81 20.93 -28.64
N GLU A 117 6.92 21.31 -29.29
CA GLU A 117 7.63 20.42 -30.18
C GLU A 117 9.12 20.34 -29.89
N ASP A 118 9.61 21.10 -28.92
CA ASP A 118 11.02 21.06 -28.54
C ASP A 118 11.21 20.51 -27.13
N GLY A 119 10.21 19.85 -26.57
CA GLY A 119 10.31 19.33 -25.21
C GLY A 119 9.92 20.36 -24.19
N TRP A 120 9.52 19.92 -23.00
CA TRP A 120 9.11 20.83 -21.95
C TRP A 120 10.32 21.23 -21.11
N VAL A 121 10.14 22.28 -20.30
CA VAL A 121 11.10 22.69 -19.29
C VAL A 121 10.43 22.60 -17.93
N TYR A 122 11.03 21.84 -17.03
CA TYR A 122 10.41 21.51 -15.75
C TYR A 122 11.06 22.30 -14.64
N ASP A 123 10.38 22.35 -13.49
CA ASP A 123 10.83 23.13 -12.35
C ASP A 123 11.56 22.21 -11.37
N HIS A 124 12.89 22.30 -11.34
CA HIS A 124 13.72 21.49 -10.45
C HIS A 124 14.00 22.29 -9.19
N SER A 125 13.08 22.22 -8.22
CA SER A 125 13.26 22.89 -6.93
C SER A 125 12.98 22.00 -5.74
N THR A 126 12.28 20.88 -5.89
CA THR A 126 12.01 19.98 -4.80
C THR A 126 12.37 18.55 -5.20
N PHE A 127 12.28 18.26 -6.49
CA PHE A 127 12.64 16.97 -7.06
C PHE A 127 13.65 17.18 -8.18
N ARG A 128 14.59 16.24 -8.30
CA ARG A 128 15.63 16.35 -9.31
C ARG A 128 15.27 15.65 -10.61
N SER A 129 14.74 14.43 -10.55
CA SER A 129 14.36 13.71 -11.76
C SER A 129 13.31 12.67 -11.39
N THR A 130 12.06 12.95 -11.74
CA THR A 130 10.98 11.99 -11.61
C THR A 130 10.85 11.21 -12.93
N ILE A 131 9.93 10.24 -12.97
CA ILE A 131 9.68 9.55 -14.23
C ILE A 131 9.00 10.47 -15.23
N VAL A 132 8.19 11.42 -14.75
CA VAL A 132 7.58 12.40 -15.63
C VAL A 132 8.64 13.23 -16.33
N THR A 133 9.67 13.65 -15.59
CA THR A 133 10.75 14.43 -16.19
C THR A 133 11.51 13.62 -17.25
N THR A 134 11.73 12.33 -16.98
CA THR A 134 12.53 11.51 -17.88
C THR A 134 11.75 10.95 -19.07
N TRP A 135 10.42 10.98 -19.04
CA TRP A 135 9.66 10.43 -20.15
C TRP A 135 8.54 11.33 -20.67
N ASP A 136 8.42 12.56 -20.18
CA ASP A 136 7.49 13.55 -20.73
C ASP A 136 6.04 13.05 -20.69
N LEU A 137 5.63 12.56 -19.53
CA LEU A 137 4.24 12.12 -19.34
C LEU A 137 3.37 13.29 -18.90
N VAL A 138 3.34 14.33 -19.73
CA VAL A 138 2.56 15.53 -19.48
C VAL A 138 1.74 15.87 -20.72
N CYS A 139 0.74 16.72 -20.51
CA CYS A 139 -0.08 17.30 -21.59
C CYS A 139 -0.83 16.17 -22.29
N ASP A 140 -0.56 15.88 -23.56
CA ASP A 140 -1.35 14.88 -24.28
C ASP A 140 -1.19 13.49 -23.67
N SER A 141 0.05 13.11 -23.34
CA SER A 141 0.32 11.81 -22.74
C SER A 141 0.20 11.93 -21.22
N GLN A 142 -1.03 12.19 -20.78
CA GLN A 142 -1.33 12.35 -19.37
C GLN A 142 -2.00 11.14 -18.76
N ALA A 143 -2.80 10.40 -19.54
CA ALA A 143 -3.48 9.22 -19.02
C ALA A 143 -2.52 8.12 -18.62
N LEU A 144 -1.28 8.15 -19.12
CA LEU A 144 -0.34 7.07 -18.82
C LEU A 144 0.12 7.09 -17.37
N ARG A 145 0.00 8.22 -16.68
CA ARG A 145 0.47 8.31 -15.30
C ARG A 145 -0.51 7.66 -14.33
N PRO A 146 -1.83 7.89 -14.44
CA PRO A 146 -2.76 7.14 -13.58
C PRO A 146 -2.96 5.69 -14.01
N MET A 147 -2.27 5.23 -15.05
CA MET A 147 -2.33 3.83 -15.47
C MET A 147 -1.15 3.02 -14.95
N ALA A 148 0.00 3.67 -14.72
CA ALA A 148 1.16 2.98 -14.16
C ALA A 148 0.92 2.56 -12.71
N GLN A 149 -0.14 3.05 -12.07
CA GLN A 149 -0.50 2.59 -10.73
C GLN A 149 -1.56 1.50 -10.77
N SER A 150 -2.52 1.62 -11.69
CA SER A 150 -3.50 0.56 -11.85
C SER A 150 -2.82 -0.73 -12.33
N ILE A 151 -1.76 -0.62 -13.12
CA ILE A 151 -1.01 -1.80 -13.52
C ILE A 151 -0.38 -2.47 -12.30
N PHE A 152 0.21 -1.67 -11.39
CA PHE A 152 0.83 -2.24 -10.20
C PHE A 152 -0.21 -2.93 -9.32
N LEU A 153 -1.37 -2.31 -9.14
CA LEU A 153 -2.42 -2.96 -8.34
C LEU A 153 -2.96 -4.21 -9.01
N ALA A 154 -3.07 -4.23 -10.34
CA ALA A 154 -3.42 -5.48 -11.02
C ALA A 154 -2.35 -6.54 -10.80
N GLY A 155 -1.08 -6.15 -10.76
CA GLY A 155 -0.02 -7.09 -10.46
C GLY A 155 -0.15 -7.67 -9.07
N ILE A 156 -0.47 -6.83 -8.09
CA ILE A 156 -0.71 -7.33 -6.73
C ILE A 156 -1.87 -8.31 -6.71
N LEU A 157 -2.94 -7.97 -7.43
CA LEU A 157 -4.10 -8.87 -7.49
C LEU A 157 -3.73 -10.23 -8.08
N VAL A 158 -2.95 -10.22 -9.17
CA VAL A 158 -2.58 -11.48 -9.80
C VAL A 158 -1.65 -12.28 -8.90
N GLY A 159 -0.67 -11.63 -8.28
CA GLY A 159 0.29 -12.31 -7.43
C GLY A 159 -0.30 -12.83 -6.14
N ALA A 160 -1.36 -12.20 -5.63
CA ALA A 160 -2.03 -12.70 -4.43
C ALA A 160 -2.90 -13.91 -4.72
N ALA A 161 -3.17 -14.20 -5.99
CA ALA A 161 -3.95 -15.37 -6.38
C ALA A 161 -3.10 -16.52 -6.90
N VAL A 162 -2.01 -16.23 -7.60
CA VAL A 162 -1.13 -17.29 -8.05
C VAL A 162 -0.38 -17.93 -6.88
N CYS A 163 0.10 -17.11 -5.93
CA CYS A 163 0.91 -17.64 -4.83
C CYS A 163 0.10 -18.53 -3.90
N GLY A 164 -1.22 -18.39 -3.89
CA GLY A 164 -2.03 -19.24 -3.04
C GLY A 164 -1.95 -20.71 -3.40
N HIS A 165 -1.82 -21.02 -4.68
CA HIS A 165 -1.73 -22.40 -5.15
C HIS A 165 -0.29 -22.86 -5.32
N ALA A 166 0.69 -22.02 -4.96
CA ALA A 166 2.09 -22.37 -5.09
C ALA A 166 2.82 -22.50 -3.77
N SER A 167 2.12 -22.37 -2.64
CA SER A 167 2.72 -22.57 -1.33
C SER A 167 2.25 -23.83 -0.64
N ASP A 168 1.04 -24.31 -0.92
CA ASP A 168 0.55 -25.56 -0.35
C ASP A 168 1.26 -26.78 -0.93
N ARG A 169 2.05 -26.62 -1.98
CA ARG A 169 2.80 -27.71 -2.56
C ARG A 169 4.31 -27.52 -2.49
N PHE A 170 4.79 -26.31 -2.26
CA PHE A 170 6.22 -26.04 -2.21
C PHE A 170 6.71 -25.61 -0.83
N GLY A 171 5.86 -25.65 0.18
CA GLY A 171 6.22 -25.18 1.50
C GLY A 171 5.85 -23.72 1.72
N ARG A 172 5.94 -23.31 2.99
CA ARG A 172 5.58 -21.95 3.38
C ARG A 172 6.77 -21.08 3.72
N ARG A 173 7.97 -21.66 3.84
CA ARG A 173 9.17 -20.89 4.08
C ARG A 173 10.00 -20.67 2.82
N ARG A 174 10.05 -21.67 1.94
CA ARG A 174 10.82 -21.52 0.71
C ARG A 174 10.24 -20.44 -0.19
N VAL A 175 8.91 -20.37 -0.28
CA VAL A 175 8.27 -19.38 -1.14
C VAL A 175 8.60 -17.98 -0.67
N LEU A 176 8.59 -17.75 0.65
CA LEU A 176 8.97 -16.45 1.18
C LEU A 176 10.42 -16.11 0.85
N THR A 177 11.32 -17.07 0.98
CA THR A 177 12.73 -16.83 0.71
C THR A 177 12.94 -16.46 -0.75
N TRP A 178 12.27 -17.16 -1.66
CA TRP A 178 12.45 -16.85 -3.07
C TRP A 178 11.72 -15.57 -3.45
N SER A 179 10.64 -15.23 -2.77
CA SER A 179 9.93 -13.98 -3.06
C SER A 179 10.75 -12.77 -2.62
N TYR A 180 11.50 -12.89 -1.53
CA TYR A 180 12.44 -11.82 -1.18
C TYR A 180 13.42 -11.55 -2.31
N LEU A 181 14.03 -12.61 -2.85
CA LEU A 181 14.99 -12.44 -3.94
C LEU A 181 14.33 -11.90 -5.19
N LEU A 182 13.10 -12.34 -5.49
CA LEU A 182 12.40 -11.81 -6.65
C LEU A 182 12.12 -10.33 -6.52
N VAL A 183 11.67 -9.90 -5.33
CA VAL A 183 11.47 -8.46 -5.10
C VAL A 183 12.78 -7.71 -5.28
N SER A 184 13.86 -8.22 -4.70
CA SER A 184 15.14 -7.52 -4.77
C SER A 184 15.60 -7.36 -6.22
N VAL A 185 15.59 -8.45 -6.98
CA VAL A 185 16.12 -8.42 -8.35
C VAL A 185 15.23 -7.58 -9.25
N SER A 186 13.91 -7.76 -9.16
CA SER A 186 13.01 -6.98 -10.00
C SER A 186 13.08 -5.49 -9.68
N GLY A 187 13.21 -5.15 -8.40
CA GLY A 187 13.38 -3.75 -8.04
C GLY A 187 14.68 -3.17 -8.55
N THR A 188 15.77 -3.92 -8.41
CA THR A 188 17.07 -3.44 -8.87
C THR A 188 17.15 -3.34 -10.39
N ILE A 189 16.36 -4.12 -11.13
CA ILE A 189 16.32 -4.02 -12.59
C ILE A 189 15.38 -2.92 -13.05
N ALA A 190 14.24 -2.76 -12.37
CA ALA A 190 13.24 -1.78 -12.80
C ALA A 190 13.73 -0.34 -12.72
N ALA A 191 14.83 -0.09 -12.02
CA ALA A 191 15.42 1.24 -11.94
C ALA A 191 16.40 1.52 -13.05
N LEU A 192 16.61 0.58 -13.98
CA LEU A 192 17.56 0.72 -15.05
C LEU A 192 16.91 0.43 -16.40
N MET A 193 15.66 0.89 -16.58
CA MET A 193 15.07 0.66 -17.89
C MET A 193 15.03 1.95 -18.70
N PRO A 194 15.15 1.87 -20.02
CA PRO A 194 15.20 3.08 -20.85
C PRO A 194 13.86 3.53 -21.44
N THR A 195 12.79 2.75 -21.30
CA THR A 195 11.51 3.11 -21.89
C THR A 195 10.37 2.75 -20.94
N PHE A 196 9.24 3.43 -21.11
CA PHE A 196 8.09 3.22 -20.25
C PHE A 196 7.51 1.81 -20.27
N PRO A 197 7.32 1.15 -21.42
CA PRO A 197 6.64 -0.16 -21.41
C PRO A 197 7.29 -1.19 -20.52
N LEU A 198 8.62 -1.23 -20.46
CA LEU A 198 9.31 -2.20 -19.63
C LEU A 198 9.27 -1.84 -18.15
N TYR A 199 9.28 -0.54 -17.84
CA TYR A 199 9.07 -0.10 -16.47
C TYR A 199 7.66 -0.41 -15.99
N CYS A 200 6.70 -0.55 -16.91
CA CYS A 200 5.36 -0.94 -16.54
C CYS A 200 5.19 -2.46 -16.44
N LEU A 201 6.23 -3.24 -16.72
CA LEU A 201 6.20 -4.69 -16.56
C LEU A 201 7.03 -5.17 -15.38
N PHE A 202 8.22 -4.59 -15.19
CA PHE A 202 9.02 -4.98 -14.03
C PHE A 202 8.34 -4.56 -12.74
N ARG A 203 7.60 -3.45 -12.74
CA ARG A 203 6.81 -3.09 -11.56
C ARG A 203 5.66 -4.07 -11.33
N PHE A 204 5.09 -4.61 -12.42
CA PHE A 204 4.09 -5.66 -12.27
C PHE A 204 4.67 -6.88 -11.56
N LEU A 205 5.87 -7.28 -11.97
CA LEU A 205 6.54 -8.41 -11.29
C LEU A 205 6.84 -8.09 -9.83
N VAL A 206 7.31 -6.87 -9.55
CA VAL A 206 7.54 -6.45 -8.17
C VAL A 206 6.25 -6.57 -7.35
N ALA A 207 5.13 -6.14 -7.93
CA ALA A 207 3.86 -6.19 -7.22
C ALA A 207 3.45 -7.62 -6.90
N SER A 208 3.59 -8.53 -7.87
CA SER A 208 3.23 -9.92 -7.62
C SER A 208 4.09 -10.52 -6.51
N ALA A 209 5.39 -10.27 -6.55
CA ALA A 209 6.27 -10.80 -5.50
C ALA A 209 5.94 -10.19 -4.13
N VAL A 210 5.59 -8.91 -4.09
CA VAL A 210 5.22 -8.27 -2.83
C VAL A 210 3.96 -8.92 -2.26
N ALA A 211 2.97 -9.18 -3.11
CA ALA A 211 1.75 -9.83 -2.65
C ALA A 211 2.06 -11.20 -2.06
N GLY A 212 2.92 -11.97 -2.74
CA GLY A 212 3.32 -13.25 -2.20
C GLY A 212 4.00 -13.12 -0.83
N VAL A 213 4.89 -12.14 -0.70
CA VAL A 213 5.58 -11.92 0.58
C VAL A 213 4.57 -11.65 1.69
N MET A 214 3.62 -10.74 1.44
CA MET A 214 2.66 -10.39 2.49
C MET A 214 1.80 -11.59 2.88
N MET A 215 1.28 -12.32 1.89
CA MET A 215 0.41 -13.45 2.20
C MET A 215 1.15 -14.50 3.01
N ASN A 216 2.37 -14.86 2.59
CA ASN A 216 3.09 -15.90 3.30
C ASN A 216 3.57 -15.44 4.68
N THR A 217 3.91 -14.16 4.83
CA THR A 217 4.28 -13.67 6.15
C THR A 217 3.11 -13.77 7.12
N ALA A 218 1.90 -13.40 6.66
CA ALA A 218 0.73 -13.52 7.54
C ALA A 218 0.47 -14.99 7.90
N SER A 219 0.52 -15.88 6.92
CA SER A 219 0.25 -17.29 7.19
C SER A 219 1.27 -17.88 8.16
N LEU A 220 2.56 -17.55 7.97
CA LEU A 220 3.59 -18.05 8.87
C LEU A 220 3.42 -17.48 10.27
N LEU A 221 3.04 -16.20 10.37
CA LEU A 221 2.85 -15.60 11.69
C LEU A 221 1.75 -16.30 12.46
N MET A 222 0.64 -16.62 11.80
CA MET A 222 -0.44 -17.28 12.54
C MET A 222 -0.16 -18.76 12.77
N GLU A 223 0.55 -19.42 11.86
CA GLU A 223 0.68 -20.88 11.92
C GLU A 223 1.39 -21.34 13.20
N TRP A 224 2.44 -20.64 13.60
CA TRP A 224 3.25 -21.05 14.74
C TRP A 224 2.67 -20.62 16.08
N THR A 225 1.59 -19.83 16.10
CA THR A 225 1.06 -19.25 17.32
C THR A 225 -0.37 -19.73 17.57
N SER A 226 -0.69 -20.01 18.83
CA SER A 226 -2.02 -20.45 19.22
C SER A 226 -2.47 -19.69 20.45
N ALA A 227 -3.79 -19.67 20.66
CA ALA A 227 -4.44 -19.00 21.79
C ALA A 227 -4.19 -17.50 21.76
N GLN A 228 -2.95 -17.08 22.03
CA GLN A 228 -2.56 -15.68 21.89
C GLN A 228 -2.05 -15.39 20.49
N ALA A 229 -2.88 -15.72 19.49
CA ALA A 229 -2.51 -15.60 18.08
C ALA A 229 -3.40 -14.64 17.32
N GLY A 230 -4.70 -14.65 17.59
CA GLY A 230 -5.65 -13.86 16.85
C GLY A 230 -5.41 -12.36 16.94
N PRO A 231 -5.61 -11.79 18.14
CA PRO A 231 -5.50 -10.32 18.25
C PRO A 231 -4.10 -9.78 18.03
N LEU A 232 -3.11 -10.27 18.79
CA LEU A 232 -1.81 -9.60 18.86
C LEU A 232 -1.07 -9.65 17.53
N MET A 233 -1.06 -10.82 16.89
CA MET A 233 -0.25 -10.98 15.69
C MET A 233 -0.80 -10.17 14.53
N MET A 234 -2.13 -10.15 14.36
CA MET A 234 -2.71 -9.33 13.30
C MET A 234 -2.68 -7.85 13.64
N THR A 235 -2.61 -7.51 14.93
CA THR A 235 -2.34 -6.13 15.29
C THR A 235 -0.93 -5.73 14.88
N LEU A 236 0.02 -6.66 15.01
CA LEU A 236 1.40 -6.37 14.66
C LEU A 236 1.56 -6.05 13.18
N ASN A 237 0.82 -6.74 12.31
CA ASN A 237 0.91 -6.47 10.87
C ASN A 237 0.42 -5.06 10.53
N ALA A 238 -0.72 -4.67 11.10
CA ALA A 238 -1.24 -3.33 10.85
C ALA A 238 -0.30 -2.26 11.39
N LEU A 239 0.27 -2.49 12.58
CA LEU A 239 1.28 -1.58 13.10
C LEU A 239 2.50 -1.51 12.17
N GLY A 240 2.88 -2.65 11.59
CA GLY A 240 3.99 -2.64 10.65
C GLY A 240 3.70 -1.79 9.42
N PHE A 241 2.50 -1.90 8.86
CA PHE A 241 2.14 -1.05 7.72
C PHE A 241 2.14 0.42 8.11
N SER A 242 1.58 0.74 9.28
CA SER A 242 1.52 2.13 9.72
C SER A 242 2.91 2.72 9.90
N PHE A 243 3.84 1.94 10.45
CA PHE A 243 5.23 2.40 10.53
C PHE A 243 5.91 2.45 9.18
N GLY A 244 5.53 1.56 8.26
CA GLY A 244 6.10 1.60 6.93
C GLY A 244 5.76 2.89 6.19
N GLN A 245 4.59 3.46 6.46
CA GLN A 245 4.28 4.76 5.87
C GLN A 245 5.27 5.83 6.32
N VAL A 246 5.57 5.88 7.62
CA VAL A 246 6.53 6.86 8.13
C VAL A 246 7.91 6.58 7.55
N LEU A 247 8.26 5.30 7.40
CA LEU A 247 9.54 4.96 6.78
C LEU A 247 9.62 5.45 5.35
N THR A 248 8.52 5.31 4.60
CA THR A 248 8.48 5.83 3.23
C THR A 248 8.73 7.33 3.20
N GLY A 249 8.04 8.07 4.07
CA GLY A 249 8.26 9.51 4.12
C GLY A 249 9.69 9.86 4.47
N SER A 250 10.25 9.21 5.48
CA SER A 250 11.61 9.53 5.92
C SER A 250 12.64 9.21 4.84
N VAL A 251 12.51 8.06 4.16
CA VAL A 251 13.46 7.70 3.12
C VAL A 251 13.34 8.64 1.93
N ALA A 252 12.11 8.97 1.53
CA ALA A 252 11.93 9.92 0.43
C ALA A 252 12.49 11.30 0.76
N TYR A 253 12.50 11.67 2.04
CA TYR A 253 13.09 12.96 2.41
C TYR A 253 14.58 13.03 2.07
N GLY A 254 15.27 11.90 2.06
CA GLY A 254 16.71 11.90 1.88
C GLY A 254 17.18 11.78 0.44
N VAL A 255 16.70 10.77 -0.26
CA VAL A 255 17.07 10.54 -1.65
C VAL A 255 16.02 11.21 -2.54
N ARG A 256 16.48 12.05 -3.47
CA ARG A 256 15.56 12.89 -4.24
C ARG A 256 15.39 12.45 -5.68
N SER A 257 16.34 11.73 -6.26
CA SER A 257 16.21 11.25 -7.63
C SER A 257 15.21 10.09 -7.66
N TRP A 258 15.01 9.49 -8.83
CA TRP A 258 14.14 8.32 -8.93
C TRP A 258 14.88 7.06 -9.31
N ARG A 259 16.02 7.15 -9.98
CA ARG A 259 16.85 5.98 -10.23
C ARG A 259 17.63 5.55 -8.99
N MET A 260 17.94 6.47 -8.09
CA MET A 260 18.63 6.14 -6.84
C MET A 260 17.68 5.89 -5.68
N LEU A 261 16.37 6.01 -5.91
CA LEU A 261 15.40 5.66 -4.88
C LEU A 261 14.95 4.21 -4.97
N GLN A 262 14.69 3.73 -6.18
CA GLN A 262 14.31 2.33 -6.35
C GLN A 262 15.44 1.40 -5.94
N LEU A 263 16.68 1.74 -6.27
CA LEU A 263 17.81 0.94 -5.82
C LEU A 263 17.91 0.92 -4.30
N ALA A 264 17.80 2.09 -3.67
CA ALA A 264 17.97 2.17 -2.22
C ALA A 264 16.82 1.50 -1.48
N VAL A 265 15.66 1.37 -2.12
CA VAL A 265 14.53 0.69 -1.48
C VAL A 265 14.56 -0.81 -1.75
N SER A 266 15.07 -1.23 -2.92
CA SER A 266 15.03 -2.66 -3.25
C SER A 266 16.25 -3.40 -2.73
N ALA A 267 17.34 -2.69 -2.44
CA ALA A 267 18.54 -3.36 -1.94
C ALA A 267 18.33 -4.08 -0.60
N PRO A 268 17.64 -3.52 0.40
CA PRO A 268 17.50 -4.24 1.68
C PRO A 268 16.85 -5.61 1.57
N PHE A 269 16.05 -5.86 0.54
CA PHE A 269 15.39 -7.15 0.43
C PHE A 269 16.40 -8.27 0.20
N PHE A 270 17.50 -8.00 -0.51
CA PHE A 270 18.53 -9.01 -0.64
C PHE A 270 19.16 -9.35 0.70
N LEU A 271 19.42 -8.33 1.54
CA LEU A 271 19.95 -8.59 2.87
C LEU A 271 18.96 -9.35 3.73
N PHE A 272 17.66 -9.14 3.52
CA PHE A 272 16.66 -9.96 4.20
C PHE A 272 16.68 -11.40 3.71
N PHE A 273 16.92 -11.61 2.42
CA PHE A 273 16.94 -12.96 1.86
C PHE A 273 18.03 -13.81 2.52
N VAL A 274 19.21 -13.24 2.74
CA VAL A 274 20.31 -14.02 3.29
C VAL A 274 19.98 -14.52 4.70
N TYR A 275 19.44 -13.64 5.54
CA TYR A 275 19.10 -14.04 6.90
C TYR A 275 17.82 -14.86 6.98
N SER A 276 17.00 -14.87 5.93
CA SER A 276 15.78 -15.65 5.92
C SER A 276 16.01 -17.14 5.73
N TRP A 277 17.27 -17.59 5.65
CA TRP A 277 17.56 -19.01 5.49
C TRP A 277 17.58 -19.78 6.79
N TRP A 278 17.45 -19.12 7.93
CA TRP A 278 17.57 -19.77 9.23
C TRP A 278 16.25 -19.94 9.97
N LEU A 279 15.21 -19.19 9.61
CA LEU A 279 13.93 -19.31 10.29
C LEU A 279 13.32 -20.67 9.99
N PRO A 280 12.80 -21.38 11.00
CA PRO A 280 12.18 -22.69 10.75
C PRO A 280 10.91 -22.58 9.93
N GLU A 281 10.63 -23.63 9.17
CA GLU A 281 9.42 -23.72 8.38
C GLU A 281 8.23 -24.03 9.28
N SER A 282 7.03 -23.79 8.76
CA SER A 282 5.81 -24.10 9.50
C SER A 282 5.79 -25.58 9.88
N ALA A 283 5.49 -25.86 11.14
CA ALA A 283 5.48 -27.21 11.66
C ALA A 283 4.16 -27.93 11.45
N ARG A 284 3.12 -27.23 10.99
CA ARG A 284 1.85 -27.86 10.68
C ARG A 284 1.74 -28.30 9.23
N TRP A 285 2.39 -27.60 8.31
CA TRP A 285 2.41 -28.02 6.91
C TRP A 285 3.27 -29.26 6.71
N LEU A 286 4.37 -29.38 7.45
CA LEU A 286 5.26 -30.53 7.30
C LEU A 286 4.60 -31.84 7.70
N ILE A 287 3.51 -31.79 8.47
CA ILE A 287 2.90 -33.01 8.95
C ILE A 287 1.94 -33.60 7.92
N THR A 288 1.16 -32.75 7.25
CA THR A 288 0.18 -33.23 6.28
C THR A 288 0.81 -33.73 4.98
N VAL A 289 2.09 -33.46 4.76
CA VAL A 289 2.75 -33.93 3.54
C VAL A 289 3.59 -35.19 3.77
N GLY A 290 3.81 -35.58 5.02
CA GLY A 290 4.60 -36.75 5.34
C GLY A 290 6.04 -36.50 5.67
N ARG A 291 6.46 -35.24 5.78
CA ARG A 291 7.86 -34.91 6.07
C ARG A 291 8.06 -34.89 7.59
N LEU A 292 7.82 -36.06 8.19
CA LEU A 292 7.79 -36.16 9.64
C LEU A 292 9.16 -35.91 10.26
N ASP A 293 10.22 -36.44 9.64
CA ASP A 293 11.54 -36.32 10.24
C ASP A 293 11.99 -34.88 10.35
N GLN A 294 11.82 -34.11 9.26
CA GLN A 294 12.22 -32.70 9.31
C GLN A 294 11.29 -31.89 10.20
N SER A 295 10.02 -32.28 10.32
CA SER A 295 9.14 -31.64 11.28
C SER A 295 9.64 -31.86 12.70
N LEU A 296 10.09 -33.08 13.01
CA LEU A 296 10.66 -33.34 14.32
C LEU A 296 11.91 -32.51 14.56
N ARG A 297 12.78 -32.44 13.55
CA ARG A 297 13.98 -31.63 13.69
C ARG A 297 13.64 -30.17 13.96
N GLU A 298 12.67 -29.63 13.23
CA GLU A 298 12.26 -28.24 13.43
C GLU A 298 11.69 -28.03 14.82
N LEU A 299 10.85 -28.96 15.29
CA LEU A 299 10.24 -28.80 16.60
C LEU A 299 11.28 -28.86 17.71
N GLN A 300 12.22 -29.80 17.63
CA GLN A 300 13.27 -29.86 18.64
C GLN A 300 14.16 -28.62 18.58
N ARG A 301 14.45 -28.11 17.38
CA ARG A 301 15.23 -26.88 17.27
C ARG A 301 14.52 -25.70 17.91
N VAL A 302 13.21 -25.60 17.71
CA VAL A 302 12.44 -24.53 18.32
C VAL A 302 12.43 -24.69 19.84
N ALA A 303 12.38 -25.94 20.31
CA ALA A 303 12.36 -26.18 21.76
C ALA A 303 13.62 -25.67 22.44
N ALA A 304 14.77 -25.84 21.80
CA ALA A 304 16.02 -25.36 22.40
C ALA A 304 16.01 -23.85 22.55
N VAL A 305 15.55 -23.12 21.54
CA VAL A 305 15.48 -21.67 21.62
C VAL A 305 14.48 -21.24 22.68
N ASN A 306 13.32 -21.90 22.72
CA ASN A 306 12.30 -21.58 23.72
C ASN A 306 12.72 -21.97 25.13
N ARG A 307 13.81 -22.74 25.27
CA ARG A 307 14.39 -23.18 26.53
C ARG A 307 13.50 -24.20 27.26
N ARG A 308 12.34 -24.53 26.71
CA ARG A 308 11.45 -25.51 27.33
C ARG A 308 11.82 -26.93 26.89
N LYS A 309 13.06 -27.29 27.17
CA LYS A 309 13.59 -28.61 26.79
C LYS A 309 13.30 -29.65 27.86
N ALA A 310 12.03 -29.75 28.25
CA ALA A 310 11.59 -30.75 29.23
C ALA A 310 10.60 -31.74 28.64
N GLU A 311 9.55 -31.25 27.98
CA GLU A 311 8.57 -32.12 27.35
C GLU A 311 9.00 -32.60 25.97
N ALA A 312 10.00 -31.97 25.37
CA ALA A 312 10.43 -32.34 24.02
C ALA A 312 10.95 -33.77 23.94
N ASP A 313 11.32 -34.37 25.07
CA ASP A 313 11.77 -35.76 25.05
C ASP A 313 10.61 -36.70 24.71
N THR A 314 9.37 -36.24 24.82
CA THR A 314 8.24 -37.09 24.53
C THR A 314 8.13 -37.42 23.04
N LEU A 315 8.50 -36.48 22.17
CA LEU A 315 8.35 -36.65 20.73
C LEU A 315 9.21 -37.78 20.19
N THR A 316 8.59 -38.88 19.78
CA THR A 316 9.29 -40.04 19.26
C THR A 316 8.58 -40.57 18.01
N VAL A 317 8.30 -39.67 17.06
CA VAL A 317 7.77 -40.00 15.74
C VAL A 317 6.31 -40.44 15.82
N GLU A 318 6.02 -41.41 16.69
CA GLU A 318 4.71 -42.05 16.68
C GLU A 318 3.59 -41.07 17.00
N VAL A 319 3.82 -40.15 17.95
CA VAL A 319 2.80 -39.17 18.27
C VAL A 319 2.49 -38.30 17.06
N LEU A 320 3.53 -37.85 16.36
CA LEU A 320 3.31 -37.05 15.16
C LEU A 320 2.70 -37.89 14.05
N ARG A 321 2.98 -39.20 14.02
CA ARG A 321 2.32 -40.08 13.07
C ARG A 321 0.82 -40.14 13.32
N SER A 322 0.43 -40.20 14.60
CA SER A 322 -0.99 -40.16 14.94
C SER A 322 -1.59 -38.79 14.64
N ALA A 323 -0.80 -37.72 14.78
CA ALA A 323 -1.29 -36.39 14.44
C ALA A 323 -1.60 -36.29 12.95
N MET A 324 -0.78 -36.91 12.11
CA MET A 324 -1.00 -36.90 10.67
C MET A 324 -2.07 -37.91 10.26
N ARG A 347 -26.22 -14.48 4.05
CA ARG A 347 -25.76 -14.02 2.74
C ARG A 347 -25.71 -12.49 2.70
N LEU A 348 -26.68 -11.85 3.36
CA LEU A 348 -26.70 -10.40 3.40
C LEU A 348 -25.47 -9.86 4.12
N ARG A 349 -25.07 -10.49 5.22
CA ARG A 349 -23.87 -10.07 5.92
C ARG A 349 -22.63 -10.22 5.04
N THR A 350 -22.58 -11.29 4.25
CA THR A 350 -21.45 -11.50 3.35
C THR A 350 -21.36 -10.39 2.31
N PHE A 351 -22.49 -10.00 1.73
CA PHE A 351 -22.48 -8.92 0.76
C PHE A 351 -22.14 -7.58 1.41
N ILE A 352 -22.60 -7.36 2.64
CA ILE A 352 -22.26 -6.13 3.35
C ILE A 352 -20.76 -6.05 3.58
N SER A 353 -20.15 -7.17 4.00
CA SER A 353 -18.70 -7.21 4.15
C SER A 353 -18.00 -7.00 2.82
N MET A 354 -18.51 -7.60 1.75
CA MET A 354 -17.98 -7.39 0.41
C MET A 354 -17.92 -5.90 0.08
N LEU A 355 -19.04 -5.21 0.27
CA LEU A 355 -19.12 -3.79 -0.07
C LEU A 355 -18.23 -2.95 0.83
N CYS A 356 -18.15 -3.28 2.12
CA CYS A 356 -17.28 -2.52 3.02
C CYS A 356 -15.82 -2.65 2.60
N TRP A 357 -15.37 -3.87 2.31
CA TRP A 357 -14.00 -4.07 1.87
C TRP A 357 -13.73 -3.34 0.55
N PHE A 358 -14.68 -3.41 -0.38
CA PHE A 358 -14.52 -2.74 -1.66
C PHE A 358 -14.41 -1.24 -1.48
N ALA A 359 -15.26 -0.65 -0.64
CA ALA A 359 -15.20 0.79 -0.42
C ALA A 359 -13.88 1.19 0.21
N PHE A 360 -13.41 0.44 1.21
CA PHE A 360 -12.14 0.76 1.83
C PHE A 360 -11.01 0.73 0.82
N GLY A 361 -10.90 -0.35 0.04
CA GLY A 361 -9.84 -0.43 -0.94
C GLY A 361 -9.91 0.68 -1.98
N PHE A 362 -11.11 0.90 -2.54
CA PHE A 362 -11.31 1.97 -3.51
C PHE A 362 -10.80 3.30 -2.99
N THR A 363 -11.37 3.76 -1.87
CA THR A 363 -11.06 5.11 -1.40
C THR A 363 -9.60 5.22 -0.96
N PHE A 364 -9.10 4.27 -0.17
CA PHE A 364 -7.74 4.38 0.33
C PHE A 364 -6.73 4.38 -0.81
N PHE A 365 -6.87 3.45 -1.76
CA PHE A 365 -5.86 3.37 -2.80
C PHE A 365 -6.08 4.37 -3.92
N GLY A 366 -7.23 5.06 -3.95
CA GLY A 366 -7.34 6.18 -4.85
C GLY A 366 -6.92 7.50 -4.27
N LEU A 367 -6.87 7.62 -2.94
CA LEU A 367 -6.52 8.89 -2.31
C LEU A 367 -5.09 8.96 -1.80
N ALA A 368 -4.52 7.85 -1.33
CA ALA A 368 -3.19 7.90 -0.73
C ALA A 368 -2.07 8.04 -1.75
N LEU A 369 -2.36 7.90 -3.04
CA LEU A 369 -1.33 7.97 -4.07
C LEU A 369 -1.34 9.30 -4.82
N ASP A 370 -2.08 10.30 -4.34
CA ASP A 370 -2.19 11.58 -5.02
C ASP A 370 -2.09 12.74 -4.02
N LEU A 371 -1.29 12.57 -2.98
CA LEU A 371 -1.21 13.56 -1.92
C LEU A 371 -0.67 14.91 -2.39
N GLN A 372 -0.36 15.12 -3.66
CA GLN A 372 -0.05 16.46 -4.16
C GLN A 372 -1.30 17.28 -4.41
N ALA A 373 -2.48 16.67 -4.35
CA ALA A 373 -3.74 17.38 -4.51
C ALA A 373 -4.51 17.56 -3.21
N LEU A 374 -4.10 16.90 -2.14
CA LEU A 374 -4.72 17.06 -0.82
C LEU A 374 -4.08 18.18 -0.02
N GLY A 375 -3.05 18.84 -0.55
CA GLY A 375 -2.38 19.90 0.17
C GLY A 375 -1.01 20.20 -0.38
N SER A 376 -0.05 20.43 0.52
CA SER A 376 1.33 20.70 0.12
C SER A 376 2.26 20.04 1.13
N ASN A 377 3.56 20.16 0.89
CA ASN A 377 4.60 19.56 1.73
C ASN A 377 4.41 18.04 1.81
N ILE A 378 4.61 17.40 0.65
CA ILE A 378 4.40 15.97 0.52
C ILE A 378 5.26 15.19 1.50
N PHE A 379 6.46 15.70 1.81
CA PHE A 379 7.33 14.98 2.74
C PHE A 379 6.77 14.96 4.15
N LEU A 380 6.20 16.09 4.61
CA LEU A 380 5.57 16.11 5.93
C LEU A 380 4.36 15.20 5.96
N LEU A 381 3.53 15.23 4.93
CA LEU A 381 2.54 14.19 4.74
C LEU A 381 3.24 12.87 4.41
N GLN A 382 2.45 11.80 4.35
CA GLN A 382 2.94 10.43 4.24
C GLN A 382 3.71 10.01 5.49
N ALA A 383 3.91 10.92 6.44
CA ALA A 383 4.50 10.61 7.74
C ALA A 383 3.54 10.91 8.88
N LEU A 384 2.71 11.95 8.74
CA LEU A 384 1.67 12.20 9.72
C LEU A 384 0.53 11.20 9.60
N ILE A 385 0.47 10.46 8.48
CA ILE A 385 -0.62 9.53 8.27
C ILE A 385 -0.58 8.41 9.31
N GLY A 386 0.57 7.75 9.46
CA GLY A 386 0.67 6.68 10.44
C GLY A 386 0.61 7.18 11.87
N ILE A 387 1.28 8.30 12.14
CA ILE A 387 1.29 8.87 13.48
C ILE A 387 -0.12 9.24 13.91
N VAL A 388 -0.93 9.73 12.97
CA VAL A 388 -2.35 9.94 13.28
C VAL A 388 -3.06 8.60 13.41
N ASP A 389 -2.71 7.64 12.55
CA ASP A 389 -3.48 6.40 12.44
C ASP A 389 -3.49 5.63 13.75
N LEU A 390 -2.32 5.40 14.34
CA LEU A 390 -2.28 4.53 15.52
C LEU A 390 -3.08 5.10 16.69
N PRO A 391 -2.84 6.33 17.17
CA PRO A 391 -3.73 6.88 18.20
C PRO A 391 -5.18 6.94 17.76
N VAL A 392 -5.45 7.31 16.51
CA VAL A 392 -6.83 7.40 16.05
C VAL A 392 -7.49 6.04 16.07
N LYS A 393 -6.83 5.02 15.53
CA LYS A 393 -7.44 3.70 15.50
C LYS A 393 -7.71 3.19 16.91
N MET A 394 -6.73 3.33 17.82
CA MET A 394 -6.92 2.80 19.16
C MET A 394 -8.02 3.56 19.90
N GLY A 395 -7.98 4.89 19.87
CA GLY A 395 -8.96 5.68 20.60
C GLY A 395 -10.36 5.54 20.05
N SER A 396 -10.49 5.53 18.72
CA SER A 396 -11.80 5.34 18.11
C SER A 396 -12.35 3.96 18.42
N LEU A 397 -11.52 2.93 18.32
CA LEU A 397 -11.98 1.57 18.61
C LEU A 397 -12.47 1.46 20.04
N LEU A 398 -11.64 1.88 21.00
CA LEU A 398 -11.97 1.72 22.41
C LEU A 398 -13.29 2.40 22.76
N LEU A 399 -13.47 3.64 22.29
CA LEU A 399 -14.67 4.38 22.63
C LEU A 399 -15.90 3.84 21.88
N LEU A 400 -15.75 3.58 20.57
CA LEU A 400 -16.93 3.31 19.75
C LEU A 400 -17.44 1.88 19.94
N SER A 401 -16.53 0.92 20.16
CA SER A 401 -16.97 -0.47 20.30
C SER A 401 -17.90 -0.65 21.49
N ARG A 402 -17.75 0.18 22.52
CA ARG A 402 -18.63 0.08 23.67
C ARG A 402 -20.07 0.44 23.30
N LEU A 403 -20.26 1.31 22.32
CA LEU A 403 -21.60 1.60 21.83
C LEU A 403 -22.23 0.36 21.20
N GLY A 404 -21.45 -0.40 20.45
CA GLY A 404 -21.94 -1.61 19.82
C GLY A 404 -21.02 -2.05 18.70
N ARG A 405 -21.24 -3.28 18.25
CA ARG A 405 -20.42 -3.82 17.17
C ARG A 405 -20.77 -3.19 15.83
N ARG A 406 -22.07 -3.03 15.56
CA ARG A 406 -22.50 -2.44 14.29
C ARG A 406 -22.21 -0.94 14.26
N LEU A 407 -22.30 -0.28 15.42
CA LEU A 407 -22.07 1.17 15.45
C LEU A 407 -20.62 1.50 15.10
N CYS A 408 -19.67 0.70 15.58
CA CYS A 408 -18.26 0.92 15.24
C CYS A 408 -18.02 0.71 13.75
N GLN A 409 -18.68 -0.30 13.16
CA GLN A 409 -18.55 -0.52 11.73
C GLN A 409 -19.13 0.66 10.95
N ALA A 410 -20.28 1.19 11.38
CA ALA A 410 -20.94 2.28 10.69
C ALA A 410 -20.18 3.59 10.80
N SER A 411 -19.64 3.91 11.97
CA SER A 411 -19.00 5.20 12.20
C SER A 411 -17.58 5.26 11.66
N SER A 412 -17.02 4.15 11.19
CA SER A 412 -15.68 4.14 10.65
C SER A 412 -15.65 4.33 9.13
N LEU A 413 -16.80 4.42 8.48
CA LEU A 413 -16.90 4.68 7.06
C LEU A 413 -17.59 6.00 6.74
N VAL A 414 -18.68 6.31 7.44
CA VAL A 414 -19.40 7.56 7.19
C VAL A 414 -18.54 8.75 7.60
N LEU A 415 -17.84 8.65 8.73
CA LEU A 415 -17.02 9.78 9.19
C LEU A 415 -15.89 10.14 8.23
N PRO A 416 -15.02 9.21 7.78
CA PRO A 416 -13.96 9.61 6.86
C PRO A 416 -14.48 10.02 5.49
N GLY A 417 -15.55 9.37 5.03
CA GLY A 417 -16.15 9.75 3.77
C GLY A 417 -16.70 11.16 3.80
N LEU A 418 -17.41 11.51 4.88
CA LEU A 418 -17.91 12.86 5.03
C LEU A 418 -16.77 13.86 5.21
N CYS A 419 -15.70 13.48 5.92
CA CYS A 419 -14.55 14.36 6.05
C CYS A 419 -13.92 14.67 4.70
N ILE A 420 -13.81 13.65 3.83
CA ILE A 420 -13.26 13.88 2.50
C ILE A 420 -14.21 14.71 1.65
N LEU A 421 -15.52 14.43 1.74
CA LEU A 421 -16.49 15.20 0.96
C LEU A 421 -16.48 16.67 1.35
N ALA A 422 -16.35 16.96 2.64
CA ALA A 422 -16.37 18.34 3.12
C ALA A 422 -15.06 19.07 2.85
N ASN A 423 -14.17 18.50 2.02
CA ASN A 423 -12.92 19.16 1.65
C ASN A 423 -13.06 20.02 0.40
N ILE A 424 -14.07 19.79 -0.43
CA ILE A 424 -14.26 20.59 -1.63
C ILE A 424 -14.69 22.00 -1.27
N LEU A 425 -15.58 22.14 -0.30
CA LEU A 425 -16.18 23.43 0.01
C LEU A 425 -15.17 24.42 0.57
N VAL A 426 -14.14 23.93 1.25
CA VAL A 426 -13.17 24.83 1.88
C VAL A 426 -12.42 25.62 0.82
N PRO A 427 -12.35 26.95 0.92
CA PRO A 427 -11.59 27.72 -0.08
C PRO A 427 -10.10 27.45 0.05
N ARG A 428 -9.39 27.66 -1.06
CA ARG A 428 -7.97 27.32 -1.15
C ARG A 428 -7.07 28.38 -0.51
N GLU A 429 -7.40 28.78 0.72
CA GLU A 429 -6.48 29.59 1.52
C GLU A 429 -6.36 29.14 2.96
N MET A 430 -7.30 28.37 3.49
CA MET A 430 -7.17 27.75 4.81
C MET A 430 -6.48 26.40 4.64
N GLY A 431 -5.15 26.46 4.46
CA GLY A 431 -4.40 25.23 4.21
C GLY A 431 -4.42 24.28 5.39
N ILE A 432 -4.32 24.81 6.60
CA ILE A 432 -4.28 23.96 7.78
C ILE A 432 -5.57 23.15 7.92
N LEU A 433 -6.71 23.79 7.68
CA LEU A 433 -8.00 23.10 7.87
C LEU A 433 -8.16 21.96 6.86
N ARG A 434 -7.88 22.22 5.58
CA ARG A 434 -8.04 21.17 4.59
C ARG A 434 -7.02 20.06 4.79
N SER A 435 -5.78 20.40 5.16
CA SER A 435 -4.78 19.37 5.43
C SER A 435 -5.21 18.51 6.61
N SER A 436 -5.72 19.13 7.68
CA SER A 436 -6.18 18.36 8.84
C SER A 436 -7.35 17.46 8.47
N LEU A 437 -8.29 17.98 7.66
CA LEU A 437 -9.42 17.15 7.26
C LEU A 437 -8.96 15.95 6.45
N ALA A 438 -8.05 16.15 5.50
CA ALA A 438 -7.55 15.03 4.70
C ALA A 438 -6.82 14.02 5.56
N VAL A 439 -5.96 14.48 6.47
CA VAL A 439 -5.21 13.56 7.32
C VAL A 439 -6.17 12.76 8.20
N LEU A 440 -7.18 13.42 8.78
CA LEU A 440 -8.15 12.70 9.59
C LEU A 440 -8.92 11.68 8.77
N GLY A 441 -9.30 12.04 7.55
CA GLY A 441 -10.01 11.08 6.71
C GLY A 441 -9.19 9.85 6.42
N LEU A 442 -7.92 10.06 6.03
CA LEU A 442 -7.06 8.91 5.73
C LEU A 442 -6.79 8.07 6.98
N GLY A 443 -6.58 8.72 8.13
CA GLY A 443 -6.35 7.97 9.35
C GLY A 443 -7.55 7.14 9.76
N SER A 444 -8.75 7.70 9.66
CA SER A 444 -9.94 6.93 9.97
C SER A 444 -10.16 5.80 8.98
N LEU A 445 -9.87 6.02 7.70
CA LEU A 445 -10.00 4.95 6.72
C LEU A 445 -9.03 3.82 7.03
N GLY A 446 -7.82 4.15 7.45
CA GLY A 446 -6.88 3.11 7.88
C GLY A 446 -7.40 2.31 9.06
N ALA A 447 -8.02 2.99 10.02
CA ALA A 447 -8.58 2.30 11.18
C ALA A 447 -9.78 1.43 10.82
N ALA A 448 -10.49 1.78 9.74
CA ALA A 448 -11.65 0.99 9.34
C ALA A 448 -11.26 -0.45 9.04
N PHE A 449 -10.08 -0.68 8.46
CA PHE A 449 -9.64 -2.04 8.17
C PHE A 449 -9.56 -2.88 9.43
N THR A 450 -8.88 -2.36 10.47
CA THR A 450 -8.78 -3.09 11.72
C THR A 450 -10.14 -3.25 12.38
N CYS A 451 -10.97 -2.21 12.35
CA CYS A 451 -12.30 -2.31 12.94
C CYS A 451 -13.19 -3.29 12.19
N VAL A 452 -12.82 -3.68 10.98
CA VAL A 452 -13.59 -4.65 10.20
C VAL A 452 -12.85 -5.97 10.01
N THR A 453 -11.68 -6.14 10.64
CA THR A 453 -10.88 -7.36 10.45
C THR A 453 -11.08 -8.36 11.57
N ILE A 454 -10.78 -7.98 12.81
CA ILE A 454 -10.86 -8.90 13.93
C ILE A 454 -12.16 -8.68 14.69
N PHE A 455 -12.68 -7.46 14.64
CA PHE A 455 -13.99 -7.18 15.24
C PHE A 455 -15.11 -7.75 14.38
N SER A 456 -14.97 -7.63 13.06
CA SER A 456 -15.90 -8.22 12.12
C SER A 456 -15.41 -9.61 11.74
N SER A 457 -15.98 -10.18 10.68
CA SER A 457 -15.76 -11.53 10.17
C SER A 457 -16.42 -12.59 11.06
N GLU A 458 -17.01 -12.19 12.18
CA GLU A 458 -17.83 -13.05 13.01
C GLU A 458 -19.26 -13.16 12.49
N LEU A 459 -19.68 -12.26 11.60
CA LEU A 459 -21.06 -12.19 11.13
C LEU A 459 -21.35 -13.33 10.15
N PHE A 460 -21.31 -14.55 10.68
CA PHE A 460 -21.53 -15.76 9.90
C PHE A 460 -21.71 -16.91 10.88
N PRO A 461 -21.99 -18.14 10.37
CA PRO A 461 -22.21 -19.28 11.29
C PRO A 461 -21.10 -19.55 12.31
N THR A 462 -20.00 -18.79 12.25
CA THR A 462 -18.99 -18.77 13.31
C THR A 462 -18.38 -20.16 13.51
N VAL A 463 -17.63 -20.63 12.52
CA VAL A 463 -16.82 -21.83 12.68
C VAL A 463 -15.36 -21.42 12.76
N ILE A 464 -14.86 -20.78 11.71
CA ILE A 464 -13.51 -20.23 11.68
C ILE A 464 -13.51 -19.05 10.72
N ARG A 465 -12.68 -18.05 11.03
CA ARG A 465 -12.72 -16.76 10.35
C ARG A 465 -11.83 -16.69 9.12
N MET A 466 -11.00 -17.70 8.84
CA MET A 466 -10.15 -17.64 7.66
C MET A 466 -10.87 -18.07 6.39
N THR A 467 -12.11 -18.53 6.51
CA THR A 467 -12.93 -18.76 5.32
C THR A 467 -13.69 -17.51 4.90
N ALA A 468 -13.60 -16.42 5.67
CA ALA A 468 -14.27 -15.17 5.35
C ALA A 468 -13.32 -13.99 5.18
N VAL A 469 -12.26 -13.92 5.98
CA VAL A 469 -11.27 -12.85 5.81
C VAL A 469 -10.60 -12.97 4.46
N GLY A 470 -10.26 -14.20 4.04
CA GLY A 470 -9.70 -14.41 2.71
C GLY A 470 -10.66 -14.07 1.60
N LEU A 471 -11.96 -14.29 1.79
CA LEU A 471 -12.94 -13.90 0.78
C LEU A 471 -13.05 -12.39 0.70
N GLY A 472 -13.00 -11.70 1.86
CA GLY A 472 -13.01 -10.26 1.85
C GLY A 472 -11.77 -9.64 1.23
N GLN A 473 -10.63 -10.30 1.41
CA GLN A 473 -9.38 -9.75 0.89
C GLN A 473 -9.36 -9.72 -0.64
N VAL A 474 -9.98 -10.71 -1.29
CA VAL A 474 -10.01 -10.69 -2.76
C VAL A 474 -10.85 -9.53 -3.26
N ALA A 475 -11.93 -9.18 -2.57
CA ALA A 475 -12.71 -8.00 -2.92
C ALA A 475 -11.95 -6.70 -2.65
N ALA A 476 -11.22 -6.66 -1.53
CA ALA A 476 -10.42 -5.47 -1.22
C ALA A 476 -9.32 -5.26 -2.25
N ARG A 477 -8.67 -6.34 -2.69
CA ARG A 477 -7.61 -6.22 -3.69
C ARG A 477 -8.18 -5.96 -5.08
N GLY A 478 -9.35 -6.52 -5.39
CA GLY A 478 -10.00 -6.26 -6.65
C GLY A 478 -10.70 -4.92 -6.72
N GLY A 479 -10.86 -4.24 -5.59
CA GLY A 479 -11.39 -2.90 -5.56
C GLY A 479 -10.37 -1.79 -5.61
N ALA A 480 -9.09 -2.11 -5.85
CA ALA A 480 -8.05 -1.11 -5.96
C ALA A 480 -7.54 -0.93 -7.39
N MET A 481 -7.56 -1.99 -8.21
CA MET A 481 -7.25 -1.83 -9.62
C MET A 481 -8.30 -1.00 -10.34
N LEU A 482 -9.48 -0.86 -9.77
CA LEU A 482 -10.49 0.12 -10.19
C LEU A 482 -10.40 1.40 -9.37
N GLY A 483 -9.21 1.76 -8.92
CA GLY A 483 -9.00 2.87 -8.04
C GLY A 483 -8.54 4.09 -8.80
N PRO A 484 -7.23 4.30 -8.88
CA PRO A 484 -6.69 5.48 -9.55
C PRO A 484 -7.23 5.74 -10.95
N LEU A 485 -7.97 4.78 -11.51
CA LEU A 485 -8.62 5.00 -12.79
C LEU A 485 -9.67 6.10 -12.72
N VAL A 486 -10.23 6.33 -11.53
CA VAL A 486 -11.18 7.43 -11.35
C VAL A 486 -10.46 8.76 -11.51
N ARG A 487 -9.21 8.84 -11.07
CA ARG A 487 -8.43 10.07 -11.20
C ARG A 487 -8.20 10.46 -12.65
N LEU A 488 -8.42 9.54 -13.59
CA LEU A 488 -8.38 9.87 -15.01
C LEU A 488 -9.46 10.87 -15.40
N LEU A 489 -10.46 11.08 -14.54
CA LEU A 489 -11.58 11.96 -14.84
C LEU A 489 -11.32 13.39 -14.35
N GLY A 490 -10.06 13.80 -14.31
CA GLY A 490 -9.75 15.20 -14.00
C GLY A 490 -10.31 16.17 -15.00
N VAL A 491 -10.48 15.74 -16.26
CA VAL A 491 -11.23 16.52 -17.22
C VAL A 491 -12.72 16.36 -16.98
N TYR A 492 -13.52 17.19 -17.66
CA TYR A 492 -14.94 17.39 -17.32
C TYR A 492 -15.06 17.87 -15.88
N GLY A 493 -14.20 18.80 -15.49
CA GLY A 493 -14.18 19.32 -14.14
C GLY A 493 -13.27 18.52 -13.24
N SER A 494 -12.77 19.20 -12.19
CA SER A 494 -11.82 18.58 -11.27
C SER A 494 -12.43 18.19 -9.93
N TRP A 495 -13.62 18.69 -9.59
CA TRP A 495 -14.23 18.35 -8.32
C TRP A 495 -14.83 16.94 -8.33
N LEU A 496 -15.14 16.42 -9.51
CA LEU A 496 -15.83 15.13 -9.59
C LEU A 496 -15.03 13.97 -8.99
N PRO A 497 -13.71 13.86 -9.22
CA PRO A 497 -12.97 12.78 -8.54
C PRO A 497 -13.13 12.79 -7.03
N LEU A 498 -12.94 13.94 -6.39
CA LEU A 498 -13.11 14.02 -4.95
C LEU A 498 -14.55 13.74 -4.54
N LEU A 499 -15.51 14.23 -5.33
CA LEU A 499 -16.91 14.02 -4.99
C LEU A 499 -17.24 12.53 -4.98
N VAL A 500 -16.83 11.79 -6.00
CA VAL A 500 -17.08 10.36 -6.03
C VAL A 500 -16.31 9.65 -4.92
N TYR A 501 -15.05 10.06 -4.71
CA TYR A 501 -14.17 9.42 -3.75
C TYR A 501 -14.68 9.61 -2.33
N GLY A 502 -15.50 10.63 -2.10
CA GLY A 502 -16.14 10.82 -0.81
C GLY A 502 -17.52 10.22 -0.72
N VAL A 503 -18.25 10.19 -1.84
CA VAL A 503 -19.60 9.65 -1.82
C VAL A 503 -19.58 8.14 -1.62
N VAL A 504 -18.67 7.44 -2.29
CA VAL A 504 -18.67 5.97 -2.23
C VAL A 504 -18.53 5.45 -0.79
N PRO A 505 -17.56 5.90 0.02
CA PRO A 505 -17.52 5.42 1.41
C PRO A 505 -18.77 5.76 2.19
N VAL A 506 -19.38 6.93 1.94
CA VAL A 506 -20.56 7.33 2.70
C VAL A 506 -21.72 6.38 2.41
N LEU A 507 -21.97 6.10 1.14
CA LEU A 507 -23.05 5.19 0.79
C LEU A 507 -22.77 3.78 1.30
N SER A 508 -21.52 3.32 1.17
CA SER A 508 -21.18 1.98 1.66
C SER A 508 -21.40 1.87 3.16
N GLY A 509 -20.96 2.88 3.92
CA GLY A 509 -21.16 2.85 5.36
C GLY A 509 -22.63 2.93 5.75
N LEU A 510 -23.40 3.79 5.09
CA LEU A 510 -24.82 3.93 5.38
C LEU A 510 -25.61 2.70 4.98
N ALA A 511 -25.10 1.88 4.06
CA ALA A 511 -25.72 0.61 3.74
C ALA A 511 -25.51 -0.45 4.82
N ALA A 512 -24.53 -0.27 5.71
CA ALA A 512 -24.29 -1.25 6.76
C ALA A 512 -25.39 -1.20 7.82
N LEU A 513 -26.11 -0.09 7.92
CA LEU A 513 -27.23 0.00 8.86
C LEU A 513 -28.41 -0.87 8.42
N LEU A 514 -28.37 -1.38 7.19
CA LEU A 514 -29.45 -2.22 6.65
C LEU A 514 -29.14 -3.71 6.80
N LEU A 515 -28.45 -4.08 7.88
CA LEU A 515 -28.11 -5.49 8.10
C LEU A 515 -29.34 -6.39 8.14
N PRO A 516 -30.43 -6.06 8.88
CA PRO A 516 -31.58 -6.97 8.79
C PRO A 516 -32.35 -6.81 7.48
C01 A1AIJ B . -6.41 -4.45 1.66
C02 A1AIJ B . -4.96 -4.64 1.22
C03 A1AIJ B . -4.93 -5.08 -0.23
C04 A1AIJ B . -4.25 -5.68 2.18
C08 A1AIJ B . -2.25 -3.01 1.04
C09 A1AIJ B . -1.32 -2.32 1.88
C10 A1AIJ B . 0.04 -2.45 1.50
C12 A1AIJ B . -0.41 -3.79 -0.33
C13 A1AIJ B . -1.78 -3.74 -0.06
C14 A1AIJ B . -1.75 -1.49 3.08
C15 A1AIJ B . -1.55 -0.12 3.15
C16 A1AIJ B . -1.96 0.66 4.29
C17 A1AIJ B . -2.56 0.06 5.37
C18 A1AIJ B . -2.78 -1.35 5.36
C19 A1AIJ B . -3.39 -1.98 6.48
C20 A1AIJ B . -3.62 -3.34 6.49
C21 A1AIJ B . -3.23 -4.12 5.39
C22 A1AIJ B . -2.63 -3.52 4.30
C23 A1AIJ B . -2.38 -2.12 4.24
C24 A1AIJ B . -2.97 0.81 6.52
N11 A1AIJ B . 0.51 -3.15 0.43
N25 A1AIJ B . -3.30 1.42 7.46
O05 A1AIJ B . -4.97 -6.39 2.91
O06 A1AIJ B . -3.00 -5.74 2.14
S07 A1AIJ B . -4.03 -2.95 1.36
#